data_3MDA
#
_entry.id   3MDA
#
_cell.length_a   56.068
_cell.length_b   62.637
_cell.length_c   140.163
_cell.angle_alpha   90.000
_cell.angle_beta   90.000
_cell.angle_gamma   90.000
#
_symmetry.space_group_name_H-M   'P 21 21 21'
#
loop_
_entity.id
_entity.type
_entity.pdbx_description
1 polymer 'DNA polymerase lambda'
2 polymer "DNA (5'-D(*CP*GP*GP*CP*GP*GP*TP*AP*CP*TP*G)-3')"
3 polymer "DNA (5'-D(*CP*AP*GP*TP*AP*CP*(CAR))-3')"
4 polymer "DNA (5'-D(P*GP*CP*CP*G)-3')"
5 non-polymer PYROPHOSPHATE
6 non-polymer 'SODIUM ION'
7 non-polymer 'MAGNESIUM ION'
8 water water
#
loop_
_entity_poly.entity_id
_entity_poly.type
_entity_poly.pdbx_seq_one_letter_code
_entity_poly.pdbx_strand_id
1 'polypeptide(L)'
;AHNLHITEKLEVLAKAYSVQGDKWRALGYAKAINALKSFHKPVTSYQEACSIPGIGKRMAEKIIEILESGHLRKLDHISE
SVPVLELFSNIWGAGTKTAQMWYQQGFRSLEDIRSQASLTTQQAIGLKHYSDFLERMPREEATEIEQTVQKAAQAFNSGL
LCVACGSYRRGKATCGDVDVLITHPDGRSHRGIFSRLLDSLRQEGFLTDDLVSQEENGQQQKYLGVCRLPGPGRRHRRLD
IIVVPYSEFACALLYFTGSAHFNRSMRALAKTKGMSLSEHALSTAVVRNTHGCKVGPGRVLPTPTEKDVFRLLGLPYREP
AERDW
;
A
2 'polydeoxyribonucleotide' (DC)(DG)(DG)(DC)(DG)(DG)(DT)(DA)(DC)(DT)(DG) T
3 'polydeoxyribonucleotide' (DC)(DA)(DG)(DT)(DA)(DC)(CAR) P
4 'polydeoxyribonucleotide' (DG)(DC)(DC)(DG) D
#
loop_
_chem_comp.id
_chem_comp.type
_chem_comp.name
_chem_comp.formula
CAR RNA linking 'CYTOSINE ARABINOSE-5'-PHOSPHATE' 'C9 H14 N3 O8 P'
DA DNA linking 2'-DEOXYADENOSINE-5'-MONOPHOSPHATE 'C10 H14 N5 O6 P'
DC DNA linking 2'-DEOXYCYTIDINE-5'-MONOPHOSPHATE 'C9 H14 N3 O7 P'
DG DNA linking 2'-DEOXYGUANOSINE-5'-MONOPHOSPHATE 'C10 H14 N5 O7 P'
DT DNA linking THYMIDINE-5'-MONOPHOSPHATE 'C10 H15 N2 O8 P'
MG non-polymer 'MAGNESIUM ION' 'Mg 2'
NA non-polymer 'SODIUM ION' 'Na 1'
PPV non-polymer PYROPHOSPHATE 'H4 O7 P2'
#
# COMPACT_ATOMS: atom_id res chain seq x y z
N ALA A 1 -14.14 7.65 -16.74
CA ALA A 1 -14.13 6.21 -16.97
C ALA A 1 -14.53 5.88 -18.40
N HIS A 2 -13.83 6.47 -19.37
CA HIS A 2 -14.30 6.42 -20.76
C HIS A 2 -13.51 5.51 -21.68
N ASN A 3 -12.59 4.71 -21.14
CA ASN A 3 -11.83 3.81 -21.99
C ASN A 3 -11.73 2.39 -21.44
N LEU A 4 -12.81 1.95 -20.81
CA LEU A 4 -12.86 0.61 -20.22
C LEU A 4 -12.52 -0.47 -21.24
N HIS A 5 -12.98 -0.29 -22.47
CA HIS A 5 -12.77 -1.27 -23.53
C HIS A 5 -11.27 -1.56 -23.77
N ILE A 6 -10.42 -0.56 -23.53
CA ILE A 6 -8.99 -0.77 -23.68
C ILE A 6 -8.28 -1.05 -22.34
N THR A 7 -8.59 -0.28 -21.31
CA THR A 7 -7.92 -0.43 -20.02
C THR A 7 -8.16 -1.81 -19.39
N GLU A 8 -9.37 -2.34 -19.56
CA GLU A 8 -9.70 -3.64 -19.00
C GLU A 8 -8.71 -4.69 -19.50
N LYS A 9 -8.29 -4.55 -20.75
CA LYS A 9 -7.37 -5.51 -21.35
C LYS A 9 -5.94 -5.23 -20.90
N LEU A 10 -5.63 -3.95 -20.69
CA LEU A 10 -4.29 -3.58 -20.24
C LEU A 10 -4.02 -4.00 -18.80
N GLU A 11 -5.06 -3.93 -17.95
CA GLU A 11 -4.90 -4.31 -16.55
C GLU A 11 -4.56 -5.80 -16.45
N VAL A 12 -5.06 -6.57 -17.40
CA VAL A 12 -4.73 -7.99 -17.48
C VAL A 12 -3.25 -8.17 -17.77
N LEU A 13 -2.74 -7.36 -18.70
CA LEU A 13 -1.34 -7.43 -19.04
C LEU A 13 -0.47 -6.95 -17.89
N ALA A 14 -0.85 -5.82 -17.30
CA ALA A 14 -0.10 -5.27 -16.19
C ALA A 14 0.01 -6.29 -15.07
N LYS A 15 -1.09 -6.97 -14.79
CA LYS A 15 -1.15 -7.95 -13.71
C LYS A 15 -0.23 -9.14 -13.99
N ALA A 16 -0.24 -9.59 -15.24
CA ALA A 16 0.65 -10.66 -15.68
C ALA A 16 2.10 -10.28 -15.45
N TYR A 17 2.48 -9.09 -15.93
CA TYR A 17 3.84 -8.61 -15.71
C TYR A 17 4.16 -8.52 -14.23
N SER A 18 3.19 -8.06 -13.44
CA SER A 18 3.40 -7.89 -12.02
C SER A 18 3.72 -9.21 -11.29
N VAL A 19 2.88 -10.22 -11.48
CA VAL A 19 3.10 -11.48 -10.78
C VAL A 19 4.32 -12.21 -11.29
N GLN A 20 4.72 -11.94 -12.53
CA GLN A 20 5.93 -12.55 -13.06
C GLN A 20 7.22 -11.85 -12.61
N GLY A 21 7.07 -10.77 -11.84
CA GLY A 21 8.23 -10.09 -11.29
C GLY A 21 8.81 -8.96 -12.15
N ASP A 22 8.20 -8.71 -13.30
CA ASP A 22 8.68 -7.63 -14.17
C ASP A 22 8.17 -6.29 -13.65
N LYS A 23 8.73 -5.84 -12.52
CA LYS A 23 8.14 -4.73 -11.79
C LYS A 23 8.12 -3.39 -12.54
N TRP A 24 9.17 -3.08 -13.28
CA TRP A 24 9.24 -1.78 -13.94
C TRP A 24 8.30 -1.70 -15.13
N ARG A 25 8.20 -2.80 -15.88
CA ARG A 25 7.27 -2.83 -16.99
C ARG A 25 5.84 -2.73 -16.44
N ALA A 26 5.55 -3.49 -15.40
CA ALA A 26 4.26 -3.39 -14.73
C ALA A 26 3.95 -1.96 -14.29
N LEU A 27 4.93 -1.29 -13.70
CA LEU A 27 4.78 0.10 -13.25
C LEU A 27 4.38 0.98 -14.41
N GLY A 28 5.16 0.92 -15.49
CA GLY A 28 4.85 1.65 -16.71
C GLY A 28 3.41 1.45 -17.12
N TYR A 29 2.96 0.20 -17.11
CA TYR A 29 1.59 -0.11 -17.47
C TYR A 29 0.60 0.54 -16.50
N ALA A 30 0.94 0.54 -15.22
CA ALA A 30 0.03 1.07 -14.20
C ALA A 30 -0.24 2.54 -14.46
N LYS A 31 0.81 3.28 -14.79
CA LYS A 31 0.72 4.71 -15.02
C LYS A 31 -0.11 5.02 -16.27
N ALA A 32 0.03 4.18 -17.29
CA ALA A 32 -0.74 4.33 -18.52
C ALA A 32 -2.23 4.06 -18.28
N ILE A 33 -2.53 2.96 -17.59
CA ILE A 33 -3.90 2.60 -17.29
C ILE A 33 -4.59 3.70 -16.49
N ASN A 34 -3.97 4.09 -15.38
CA ASN A 34 -4.45 5.20 -14.56
C ASN A 34 -4.70 6.44 -15.43
N ALA A 35 -3.75 6.75 -16.30
CA ALA A 35 -3.90 7.87 -17.22
C ALA A 35 -5.17 7.71 -18.05
N LEU A 36 -5.28 6.58 -18.74
CA LEU A 36 -6.44 6.30 -19.59
C LEU A 36 -7.76 6.41 -18.83
N LYS A 37 -7.73 6.10 -17.54
CA LYS A 37 -8.96 6.11 -16.75
C LYS A 37 -9.40 7.52 -16.37
N SER A 38 -8.45 8.46 -16.39
CA SER A 38 -8.73 9.84 -16.03
C SER A 38 -9.07 10.68 -17.26
N PHE A 39 -8.86 10.09 -18.44
CA PHE A 39 -9.06 10.79 -19.71
C PHE A 39 -10.51 10.70 -20.20
N HIS A 40 -11.26 11.77 -19.92
CA HIS A 40 -12.68 11.89 -20.25
C HIS A 40 -13.13 11.22 -21.55
N LYS A 41 -12.47 11.54 -22.66
CA LYS A 41 -12.96 11.12 -23.96
C LYS A 41 -12.18 9.93 -24.53
N PRO A 42 -12.88 9.03 -25.23
CA PRO A 42 -12.27 7.87 -25.87
C PRO A 42 -11.16 8.27 -26.83
N VAL A 43 -9.91 8.04 -26.45
CA VAL A 43 -8.79 8.26 -27.36
C VAL A 43 -9.14 7.60 -28.68
N THR A 44 -8.93 8.32 -29.78
CA THR A 44 -9.37 7.86 -31.09
C THR A 44 -8.22 7.76 -32.09
N SER A 45 -7.05 8.25 -31.71
CA SER A 45 -5.92 8.33 -32.62
C SER A 45 -4.60 7.89 -31.97
N TYR A 46 -3.71 7.31 -32.77
CA TYR A 46 -2.37 6.96 -32.30
C TYR A 46 -1.66 8.23 -31.84
N GLN A 47 -1.93 9.34 -32.53
CA GLN A 47 -1.39 10.63 -32.15
C GLN A 47 -1.99 11.08 -30.82
N GLU A 48 -3.32 10.98 -30.72
CA GLU A 48 -4.01 11.36 -29.50
C GLU A 48 -3.61 10.47 -28.33
N ALA A 49 -2.99 9.34 -28.65
CA ALA A 49 -2.52 8.44 -27.61
C ALA A 49 -1.25 8.99 -27.00
N CYS A 50 -0.18 9.05 -27.78
CA CYS A 50 1.09 9.60 -27.33
C CYS A 50 0.86 10.89 -26.56
N SER A 51 -0.14 11.65 -27.01
CA SER A 51 -0.51 12.93 -26.41
C SER A 51 -0.53 12.90 -24.88
N ILE A 52 -1.18 11.89 -24.34
CA ILE A 52 -1.40 11.80 -22.89
C ILE A 52 -0.13 11.44 -22.11
N PRO A 53 0.07 12.08 -20.94
CA PRO A 53 1.19 11.77 -20.05
C PRO A 53 1.06 10.36 -19.50
N GLY A 54 2.13 9.59 -19.60
CA GLY A 54 2.13 8.22 -19.12
C GLY A 54 1.99 7.25 -20.27
N ILE A 55 1.75 7.80 -21.46
CA ILE A 55 1.55 7.00 -22.66
C ILE A 55 2.59 7.34 -23.72
N GLY A 56 3.13 6.31 -24.36
CA GLY A 56 4.13 6.49 -25.39
C GLY A 56 3.80 5.68 -26.63
N LYS A 57 4.75 5.57 -27.54
CA LYS A 57 4.53 4.82 -28.78
C LYS A 57 4.07 3.39 -28.50
N ARG A 58 4.88 2.63 -27.76
CA ARG A 58 4.56 1.25 -27.44
C ARG A 58 3.11 1.08 -26.97
N MET A 59 2.72 1.87 -25.97
CA MET A 59 1.40 1.73 -25.38
C MET A 59 0.33 2.19 -26.36
N ALA A 60 0.63 3.28 -27.08
CA ALA A 60 -0.25 3.80 -28.12
C ALA A 60 -0.59 2.73 -29.15
N GLU A 61 0.43 2.01 -29.61
CA GLU A 61 0.24 0.95 -30.59
C GLU A 61 -0.73 -0.11 -30.08
N LYS A 62 -0.67 -0.39 -28.78
CA LYS A 62 -1.58 -1.34 -28.17
C LYS A 62 -3.01 -0.82 -28.29
N ILE A 63 -3.19 0.43 -27.86
CA ILE A 63 -4.50 1.07 -27.85
C ILE A 63 -5.10 1.15 -29.26
N ILE A 64 -4.24 1.30 -30.26
CA ILE A 64 -4.69 1.32 -31.64
C ILE A 64 -5.21 -0.04 -32.07
N GLU A 65 -4.52 -1.10 -31.65
CA GLU A 65 -4.93 -2.45 -31.96
C GLU A 65 -6.26 -2.80 -31.32
N ILE A 66 -6.54 -2.20 -30.18
CA ILE A 66 -7.75 -2.51 -29.43
C ILE A 66 -8.99 -1.79 -29.99
N LEU A 67 -8.78 -0.64 -30.61
CA LEU A 67 -9.90 0.12 -31.18
C LEU A 67 -10.24 -0.29 -32.60
N GLU A 68 -9.26 -0.83 -33.32
CA GLU A 68 -9.47 -1.30 -34.68
C GLU A 68 -9.94 -2.75 -34.68
N SER A 69 -9.05 -3.65 -34.28
CA SER A 69 -9.36 -5.08 -34.25
C SER A 69 -10.25 -5.44 -33.05
N GLY A 70 -10.45 -4.49 -32.15
CA GLY A 70 -11.24 -4.72 -30.95
C GLY A 70 -10.67 -5.85 -30.11
N HIS A 71 -9.35 -6.00 -30.16
CA HIS A 71 -8.69 -7.11 -29.47
C HIS A 71 -7.21 -6.81 -29.23
N LEU A 72 -6.60 -7.60 -28.36
CA LEU A 72 -5.18 -7.45 -28.07
C LEU A 72 -4.49 -8.81 -28.13
N ARG A 73 -3.74 -9.04 -29.21
CA ARG A 73 -3.15 -10.35 -29.48
C ARG A 73 -2.19 -10.83 -28.39
N LYS A 74 -1.61 -9.89 -27.65
CA LYS A 74 -0.67 -10.23 -26.59
C LYS A 74 -1.38 -10.96 -25.44
N LEU A 75 -2.64 -10.59 -25.20
CA LEU A 75 -3.46 -11.25 -24.19
C LEU A 75 -3.62 -12.74 -24.47
N ASP A 76 -3.35 -13.15 -25.70
CA ASP A 76 -3.51 -14.54 -26.10
C ASP A 76 -2.23 -15.33 -25.85
N HIS A 77 -1.15 -14.61 -25.57
CA HIS A 77 0.13 -15.27 -25.38
C HIS A 77 0.65 -15.12 -23.95
N ILE A 78 -0.23 -14.76 -23.04
CA ILE A 78 0.14 -14.71 -21.64
C ILE A 78 0.44 -16.13 -21.14
N SER A 79 1.51 -16.27 -20.38
CA SER A 79 1.93 -17.57 -19.89
C SER A 79 0.84 -18.21 -19.05
N GLU A 80 0.68 -19.52 -19.21
CA GLU A 80 -0.34 -20.27 -18.50
C GLU A 80 -0.08 -20.28 -17.01
N SER A 81 1.14 -19.91 -16.61
CA SER A 81 1.51 -19.95 -15.20
C SER A 81 0.87 -18.82 -14.42
N VAL A 82 0.41 -17.79 -15.13
CA VAL A 82 0.03 -16.53 -14.51
C VAL A 82 -1.11 -16.61 -13.48
N PRO A 83 -2.22 -17.26 -13.83
CA PRO A 83 -3.28 -17.43 -12.83
C PRO A 83 -2.75 -18.09 -11.55
N VAL A 84 -1.90 -19.10 -11.70
CA VAL A 84 -1.33 -19.78 -10.53
C VAL A 84 -0.36 -18.87 -9.74
N LEU A 85 0.48 -18.15 -10.47
CA LEU A 85 1.36 -17.18 -9.81
C LEU A 85 0.52 -16.17 -9.02
N GLU A 86 -0.59 -15.74 -9.61
CA GLU A 86 -1.44 -14.77 -8.91
C GLU A 86 -2.05 -15.41 -7.67
N LEU A 87 -2.51 -16.65 -7.79
CA LEU A 87 -3.09 -17.36 -6.67
C LEU A 87 -2.11 -17.43 -5.51
N PHE A 88 -0.87 -17.79 -5.82
CA PHE A 88 0.16 -17.98 -4.80
C PHE A 88 0.60 -16.66 -4.16
N SER A 89 0.80 -15.64 -4.97
CA SER A 89 1.34 -14.43 -4.38
C SER A 89 0.23 -13.62 -3.72
N ASN A 90 -1.01 -14.13 -3.76
CA ASN A 90 -2.07 -13.57 -2.94
C ASN A 90 -2.02 -14.10 -1.50
N ILE A 91 -1.07 -14.98 -1.23
CA ILE A 91 -0.81 -15.39 0.14
C ILE A 91 0.01 -14.30 0.81
N TRP A 92 -0.43 -13.78 1.94
CA TRP A 92 0.33 -12.72 2.63
C TRP A 92 1.71 -13.26 3.00
N GLY A 93 2.77 -12.57 2.57
CA GLY A 93 4.12 -13.00 2.88
C GLY A 93 4.84 -13.75 1.76
N ALA A 94 4.10 -14.11 0.72
CA ALA A 94 4.70 -14.70 -0.48
C ALA A 94 4.66 -13.68 -1.59
N GLY A 95 5.79 -13.42 -2.22
CA GLY A 95 5.81 -12.47 -3.32
C GLY A 95 6.04 -13.21 -4.62
N THR A 96 6.47 -12.48 -5.64
CA THR A 96 6.77 -13.07 -6.94
C THR A 96 7.88 -14.13 -6.91
N LYS A 97 8.94 -13.92 -6.11
CA LYS A 97 10.02 -14.90 -6.06
C LYS A 97 9.53 -16.24 -5.50
N THR A 98 8.81 -16.16 -4.40
CA THR A 98 8.24 -17.35 -3.78
C THR A 98 7.24 -18.08 -4.67
N ALA A 99 6.32 -17.33 -5.25
CA ALA A 99 5.35 -17.88 -6.18
C ALA A 99 6.05 -18.58 -7.36
N GLN A 100 7.04 -17.95 -7.95
CA GLN A 100 7.70 -18.55 -9.10
C GLN A 100 8.44 -19.82 -8.69
N MET A 101 8.96 -19.82 -7.46
CA MET A 101 9.68 -20.98 -6.98
C MET A 101 8.72 -22.15 -6.77
N TRP A 102 7.61 -21.88 -6.10
CA TRP A 102 6.60 -22.91 -5.87
C TRP A 102 6.12 -23.49 -7.20
N TYR A 103 5.91 -22.63 -8.18
CA TYR A 103 5.43 -23.07 -9.49
C TYR A 103 6.44 -24.00 -10.16
N GLN A 104 7.71 -23.64 -10.05
CA GLN A 104 8.77 -24.41 -10.66
C GLN A 104 8.86 -25.78 -9.98
N GLN A 105 8.52 -25.82 -8.70
CA GLN A 105 8.48 -27.08 -7.96
C GLN A 105 7.24 -27.93 -8.25
N GLY A 106 6.36 -27.45 -9.12
CA GLY A 106 5.22 -28.24 -9.55
C GLY A 106 3.89 -27.95 -8.86
N PHE A 107 3.88 -27.03 -7.89
CA PHE A 107 2.65 -26.70 -7.19
C PHE A 107 1.70 -25.87 -8.06
N ARG A 108 0.41 -26.15 -7.94
CA ARG A 108 -0.58 -25.50 -8.81
C ARG A 108 -1.81 -25.02 -8.07
N SER A 109 -1.89 -25.31 -6.79
CA SER A 109 -3.12 -25.03 -6.06
C SER A 109 -2.77 -24.80 -4.62
N LEU A 110 -3.67 -24.16 -3.88
CA LEU A 110 -3.41 -23.91 -2.47
C LEU A 110 -3.32 -25.24 -1.72
N GLU A 111 -4.03 -26.24 -2.25
CA GLU A 111 -3.98 -27.57 -1.66
C GLU A 111 -2.55 -28.13 -1.75
N ASP A 112 -1.93 -27.98 -2.92
CA ASP A 112 -0.50 -28.27 -3.08
C ASP A 112 0.35 -27.49 -2.07
N ILE A 113 0.06 -26.20 -1.90
CA ILE A 113 0.81 -25.38 -0.95
C ILE A 113 0.66 -25.93 0.45
N ARG A 114 -0.59 -26.06 0.88
CA ARG A 114 -0.89 -26.54 2.23
C ARG A 114 -0.16 -27.84 2.55
N SER A 115 -0.19 -28.77 1.60
CA SER A 115 0.29 -30.12 1.85
C SER A 115 1.78 -30.32 1.58
N GLN A 116 2.34 -29.61 0.61
CA GLN A 116 3.71 -29.88 0.18
C GLN A 116 4.73 -28.73 0.32
N ALA A 117 4.26 -27.48 0.28
CA ALA A 117 5.20 -26.36 0.28
C ALA A 117 5.77 -26.07 1.66
N SER A 118 7.01 -25.58 1.68
CA SER A 118 7.62 -25.11 2.92
C SER A 118 7.21 -23.65 3.11
N LEU A 119 6.61 -23.34 4.25
CA LEU A 119 6.00 -22.04 4.47
C LEU A 119 6.68 -21.32 5.62
N THR A 120 6.85 -20.02 5.45
CA THR A 120 7.30 -19.23 6.58
C THR A 120 6.15 -19.11 7.56
N THR A 121 6.46 -18.73 8.78
CA THR A 121 5.44 -18.43 9.75
C THR A 121 4.40 -17.45 9.20
N GLN A 122 4.87 -16.42 8.50
CA GLN A 122 3.95 -15.40 7.97
C GLN A 122 3.03 -16.03 6.94
N GLN A 123 3.62 -16.74 5.98
CA GLN A 123 2.87 -17.38 4.93
C GLN A 123 1.83 -18.39 5.43
N ALA A 124 2.15 -19.13 6.50
CA ALA A 124 1.17 -20.04 7.09
C ALA A 124 -0.05 -19.29 7.62
N ILE A 125 0.20 -18.12 8.21
CA ILE A 125 -0.91 -17.28 8.68
C ILE A 125 -1.68 -16.73 7.49
N GLY A 126 -0.94 -16.29 6.49
CA GLY A 126 -1.54 -15.75 5.28
C GLY A 126 -2.48 -16.78 4.68
N LEU A 127 -2.01 -18.01 4.64
CA LEU A 127 -2.77 -19.05 3.96
C LEU A 127 -4.01 -19.41 4.78
N LYS A 128 -3.84 -19.46 6.10
CA LYS A 128 -4.97 -19.74 7.00
C LYS A 128 -6.09 -18.70 6.88
N HIS A 129 -5.75 -17.48 6.46
CA HIS A 129 -6.71 -16.39 6.31
C HIS A 129 -6.84 -15.97 4.85
N TYR A 130 -6.54 -16.90 3.95
CA TYR A 130 -6.49 -16.56 2.54
C TYR A 130 -7.69 -15.74 2.06
N SER A 131 -8.88 -16.28 2.21
CA SER A 131 -10.09 -15.58 1.79
C SER A 131 -10.30 -14.26 2.54
N ASP A 132 -10.19 -14.29 3.87
CA ASP A 132 -10.39 -13.08 4.66
C ASP A 132 -9.48 -11.94 4.20
N PHE A 133 -8.22 -12.26 3.92
CA PHE A 133 -7.24 -11.24 3.54
C PHE A 133 -7.48 -10.71 2.14
N LEU A 134 -8.40 -11.33 1.41
CA LEU A 134 -8.77 -10.81 0.12
C LEU A 134 -10.03 -9.95 0.19
N GLU A 135 -10.71 -9.94 1.33
CA GLU A 135 -11.96 -9.18 1.46
C GLU A 135 -11.72 -7.78 2.02
N ARG A 136 -12.66 -6.87 1.72
CA ARG A 136 -12.63 -5.52 2.26
C ARG A 136 -13.75 -5.42 3.30
N MET A 137 -13.55 -4.63 4.33
CA MET A 137 -14.57 -4.47 5.36
C MET A 137 -15.28 -3.14 5.13
N PRO A 138 -16.53 -3.02 5.60
CA PRO A 138 -17.21 -1.73 5.48
C PRO A 138 -16.51 -0.73 6.39
N ARG A 139 -16.46 0.54 6.02
CA ARG A 139 -15.68 1.49 6.80
C ARG A 139 -16.16 1.54 8.25
N GLU A 140 -17.46 1.28 8.43
CA GLU A 140 -18.05 1.21 9.77
C GLU A 140 -17.30 0.22 10.69
N GLU A 141 -16.86 -0.91 10.15
CA GLU A 141 -16.12 -1.91 10.92
C GLU A 141 -14.70 -1.41 11.21
N ALA A 142 -14.12 -0.70 10.26
CA ALA A 142 -12.83 -0.08 10.48
C ALA A 142 -12.91 0.89 11.66
N THR A 143 -14.01 1.63 11.75
CA THR A 143 -14.18 2.53 12.88
C THR A 143 -14.14 1.74 14.18
N GLU A 144 -14.83 0.61 14.19
CA GLU A 144 -14.91 -0.21 15.40
C GLU A 144 -13.53 -0.70 15.79
N ILE A 145 -12.73 -1.05 14.79
CA ILE A 145 -11.39 -1.57 15.05
C ILE A 145 -10.47 -0.44 15.56
N GLU A 146 -10.50 0.72 14.91
CA GLU A 146 -9.71 1.85 15.38
C GLU A 146 -10.05 2.15 16.84
N GLN A 147 -11.34 2.16 17.15
CA GLN A 147 -11.81 2.50 18.48
C GLN A 147 -11.37 1.47 19.52
N THR A 148 -11.28 0.22 19.11
CA THR A 148 -10.82 -0.84 19.99
C THR A 148 -9.35 -0.59 20.34
N VAL A 149 -8.58 -0.20 19.34
CA VAL A 149 -7.17 0.11 19.56
C VAL A 149 -7.02 1.39 20.39
N GLN A 150 -7.75 2.44 19.99
CA GLN A 150 -7.68 3.72 20.68
C GLN A 150 -8.03 3.57 22.15
N LYS A 151 -9.09 2.82 22.43
CA LYS A 151 -9.54 2.64 23.80
C LYS A 151 -8.46 1.98 24.64
N ALA A 152 -7.86 0.92 24.10
CA ALA A 152 -6.81 0.19 24.80
C ALA A 152 -5.55 1.05 24.98
N ALA A 153 -5.33 1.99 24.06
CA ALA A 153 -4.17 2.87 24.14
C ALA A 153 -4.39 3.97 25.18
N GLN A 154 -5.53 4.66 25.07
CA GLN A 154 -5.87 5.76 25.95
C GLN A 154 -6.15 5.29 27.37
N ALA A 155 -6.24 3.97 27.57
CA ALA A 155 -6.49 3.40 28.88
C ALA A 155 -5.26 3.51 29.79
N PHE A 156 -4.07 3.46 29.19
CA PHE A 156 -2.85 3.61 30.00
C PHE A 156 -2.14 4.94 29.75
N ASN A 157 -2.62 5.69 28.76
CA ASN A 157 -2.21 7.09 28.55
C ASN A 157 -3.26 7.82 27.74
N SER A 158 -4.10 8.58 28.42
CA SER A 158 -5.19 9.30 27.78
C SER A 158 -4.66 10.36 26.82
N GLY A 159 -3.36 10.66 26.94
CA GLY A 159 -2.71 11.63 26.07
C GLY A 159 -2.46 11.12 24.67
N LEU A 160 -2.44 9.80 24.49
CA LEU A 160 -2.19 9.23 23.17
C LEU A 160 -3.22 9.66 22.14
N LEU A 161 -2.73 10.02 20.96
CA LEU A 161 -3.57 10.42 19.84
C LEU A 161 -3.55 9.28 18.81
N CYS A 162 -4.75 8.80 18.45
CA CYS A 162 -4.88 7.66 17.56
C CYS A 162 -5.78 8.04 16.40
N VAL A 163 -5.29 7.82 15.18
CA VAL A 163 -6.04 8.18 13.99
C VAL A 163 -5.94 7.03 13.00
N ALA A 164 -7.07 6.68 12.40
CA ALA A 164 -7.07 5.68 11.34
C ALA A 164 -6.74 6.36 10.03
N CYS A 165 -5.81 5.77 9.29
CA CYS A 165 -5.34 6.39 8.07
C CYS A 165 -5.73 5.55 6.87
N GLY A 166 -4.80 5.40 5.94
CA GLY A 166 -5.04 4.66 4.71
C GLY A 166 -6.38 4.96 4.07
N SER A 167 -6.95 3.96 3.41
CA SER A 167 -8.17 4.12 2.66
C SER A 167 -9.30 4.68 3.52
N TYR A 168 -9.23 4.43 4.82
CA TYR A 168 -10.24 4.96 5.75
C TYR A 168 -10.23 6.49 5.77
N ARG A 169 -9.04 7.07 5.95
CA ARG A 169 -8.93 8.51 6.00
C ARG A 169 -9.20 9.12 4.64
N ARG A 170 -8.76 8.45 3.58
CA ARG A 170 -9.09 8.90 2.23
C ARG A 170 -10.59 8.83 1.95
N GLY A 171 -11.35 8.27 2.89
CA GLY A 171 -12.81 8.31 2.81
C GLY A 171 -13.51 7.22 2.03
N LYS A 172 -12.83 6.11 1.75
CA LYS A 172 -13.45 5.03 0.98
C LYS A 172 -14.58 4.35 1.76
N ALA A 173 -15.48 3.67 1.04
CA ALA A 173 -16.59 3.00 1.69
C ALA A 173 -16.17 1.67 2.33
N THR A 174 -15.14 1.04 1.75
CA THR A 174 -14.63 -0.21 2.29
C THR A 174 -13.13 -0.10 2.41
N CYS A 175 -12.57 -0.89 3.32
CA CYS A 175 -11.13 -0.87 3.63
C CYS A 175 -10.53 -2.27 3.60
N GLY A 176 -9.31 -2.38 3.07
CA GLY A 176 -8.62 -3.67 3.02
C GLY A 176 -8.12 -4.08 4.39
N ASP A 177 -7.75 -3.10 5.20
CA ASP A 177 -7.33 -3.35 6.57
C ASP A 177 -7.58 -2.07 7.37
N VAL A 178 -7.09 -2.03 8.60
CA VAL A 178 -7.17 -0.81 9.40
C VAL A 178 -5.78 -0.30 9.74
N ASP A 179 -5.49 0.95 9.36
CA ASP A 179 -4.19 1.52 9.64
C ASP A 179 -4.28 2.55 10.76
N VAL A 180 -3.79 2.18 11.93
CA VAL A 180 -3.85 3.09 13.08
C VAL A 180 -2.51 3.73 13.39
N LEU A 181 -2.47 5.06 13.29
CA LEU A 181 -1.28 5.83 13.67
C LEU A 181 -1.44 6.30 15.11
N ILE A 182 -0.40 6.12 15.91
CA ILE A 182 -0.41 6.60 17.29
C ILE A 182 0.81 7.48 17.57
N THR A 183 0.56 8.63 18.19
CA THR A 183 1.63 9.53 18.63
C THR A 183 1.25 10.18 19.96
N HIS A 184 2.10 11.08 20.46
CA HIS A 184 1.78 11.83 21.67
C HIS A 184 2.31 13.26 21.62
N PRO A 185 1.42 14.24 21.81
CA PRO A 185 1.72 15.68 21.79
C PRO A 185 2.87 16.09 22.72
N ASP A 186 3.17 15.29 23.73
CA ASP A 186 4.25 15.64 24.66
C ASP A 186 5.64 15.23 24.17
N GLY A 187 5.71 14.58 23.00
CA GLY A 187 6.98 14.29 22.36
C GLY A 187 7.82 13.15 22.92
N ARG A 188 7.37 12.53 24.01
CA ARG A 188 8.19 11.49 24.66
C ARG A 188 7.42 10.27 25.18
N SER A 189 6.13 10.44 25.46
CA SER A 189 5.35 9.38 26.07
C SER A 189 4.98 8.26 25.11
N HIS A 190 5.41 8.38 23.85
CA HIS A 190 5.11 7.38 22.83
C HIS A 190 6.08 6.20 22.91
N ARG A 191 7.12 6.35 23.72
CA ARG A 191 8.23 5.40 23.70
C ARG A 191 7.93 4.11 24.46
N GLY A 192 8.25 2.99 23.82
CA GLY A 192 8.01 1.68 24.40
C GLY A 192 6.59 1.48 24.88
N ILE A 193 5.62 1.61 23.97
CA ILE A 193 4.22 1.39 24.32
C ILE A 193 3.59 0.27 23.51
N PHE A 194 4.30 -0.24 22.50
CA PHE A 194 3.80 -1.40 21.79
C PHE A 194 3.67 -2.48 22.83
N SER A 195 4.67 -2.54 23.70
CA SER A 195 4.69 -3.47 24.81
C SER A 195 3.33 -3.49 25.50
N ARG A 196 2.92 -2.34 25.99
CA ARG A 196 1.66 -2.23 26.75
C ARG A 196 0.43 -2.45 25.88
N LEU A 197 0.41 -1.83 24.71
CA LEU A 197 -0.74 -1.89 23.83
C LEU A 197 -1.04 -3.31 23.35
N LEU A 198 -0.02 -4.00 22.82
CA LEU A 198 -0.23 -5.33 22.28
C LEU A 198 -0.69 -6.29 23.36
N ASP A 199 -0.10 -6.17 24.55
CA ASP A 199 -0.48 -6.99 25.70
C ASP A 199 -1.92 -6.73 26.09
N SER A 200 -2.31 -5.46 26.06
CA SER A 200 -3.68 -5.09 26.38
C SER A 200 -4.65 -5.68 25.36
N LEU A 201 -4.31 -5.55 24.08
CA LEU A 201 -5.16 -6.06 23.01
C LEU A 201 -5.19 -7.59 22.94
N ARG A 202 -4.13 -8.23 23.43
CA ARG A 202 -4.12 -9.69 23.51
C ARG A 202 -4.93 -10.15 24.72
N GLN A 203 -4.90 -9.33 25.77
CA GLN A 203 -5.64 -9.59 26.98
C GLN A 203 -7.12 -9.80 26.67
N GLU A 204 -7.64 -9.00 25.74
CA GLU A 204 -9.06 -9.09 25.39
C GLU A 204 -9.34 -10.02 24.21
N GLY A 205 -8.37 -10.87 23.86
CA GLY A 205 -8.54 -11.78 22.74
C GLY A 205 -8.81 -11.12 21.39
N PHE A 206 -8.47 -9.83 21.27
CA PHE A 206 -8.75 -9.08 20.05
C PHE A 206 -7.75 -9.41 18.95
N LEU A 207 -6.47 -9.56 19.31
CA LEU A 207 -5.44 -9.92 18.33
C LEU A 207 -5.40 -11.43 18.19
N THR A 208 -5.33 -11.92 16.95
CA THR A 208 -5.39 -13.37 16.74
C THR A 208 -4.07 -13.91 16.18
N ASP A 209 -3.39 -13.10 15.36
CA ASP A 209 -2.13 -13.51 14.77
C ASP A 209 -1.23 -12.30 14.62
N ASP A 210 0.07 -12.52 14.78
CA ASP A 210 1.09 -11.49 14.55
C ASP A 210 1.85 -11.81 13.27
N LEU A 211 1.97 -10.84 12.37
CA LEU A 211 2.76 -11.05 11.15
C LEU A 211 4.13 -10.39 11.24
N VAL A 212 4.15 -9.13 11.65
CA VAL A 212 5.38 -8.38 11.80
C VAL A 212 5.27 -7.61 13.11
N SER A 213 6.24 -7.82 14.00
CA SER A 213 6.16 -7.23 15.33
C SER A 213 7.46 -7.44 16.12
N GLN A 214 8.40 -6.52 16.01
CA GLN A 214 9.69 -6.68 16.67
C GLN A 214 9.59 -6.21 18.12
N GLU A 215 9.06 -7.07 18.99
CA GLU A 215 8.84 -6.69 20.39
C GLU A 215 10.09 -6.87 21.28
N GLU A 216 11.13 -7.48 20.74
CA GLU A 216 12.40 -7.54 21.45
C GLU A 216 13.01 -6.14 21.38
N ASN A 217 12.74 -5.45 20.28
CA ASN A 217 13.26 -4.10 20.09
C ASN A 217 12.40 -3.05 20.81
N GLY A 218 13.05 -2.25 21.66
CA GLY A 218 12.36 -1.16 22.31
C GLY A 218 12.04 -0.08 21.30
N GLN A 219 12.57 -0.24 20.08
CA GLN A 219 12.46 0.77 19.04
C GLN A 219 11.50 0.34 17.94
N GLN A 220 10.63 -0.63 18.24
CA GLN A 220 9.62 -1.09 17.29
C GLN A 220 8.88 0.11 16.71
N GLN A 221 8.70 0.13 15.40
CA GLN A 221 7.93 1.22 14.79
C GLN A 221 6.53 0.79 14.34
N LYS A 222 6.37 -0.49 14.00
CA LYS A 222 5.11 -0.97 13.45
C LYS A 222 4.69 -2.30 14.02
N TYR A 223 3.38 -2.52 14.03
CA TYR A 223 2.81 -3.85 14.29
C TYR A 223 1.91 -4.16 13.11
N LEU A 224 2.17 -5.27 12.43
CA LEU A 224 1.26 -5.79 11.41
C LEU A 224 0.71 -7.12 11.91
N GLY A 225 -0.61 -7.23 12.01
CA GLY A 225 -1.21 -8.45 12.52
C GLY A 225 -2.67 -8.63 12.11
N VAL A 226 -3.40 -9.41 12.89
CA VAL A 226 -4.73 -9.86 12.53
C VAL A 226 -5.59 -9.76 13.76
N CYS A 227 -6.78 -9.18 13.63
CA CYS A 227 -7.70 -9.07 14.76
C CYS A 227 -9.08 -9.58 14.37
N ARG A 228 -9.93 -9.77 15.36
CA ARG A 228 -11.35 -10.04 15.11
C ARG A 228 -12.23 -9.47 16.21
N LEU A 229 -13.16 -8.61 15.83
CA LEU A 229 -14.15 -8.08 16.75
C LEU A 229 -14.95 -9.24 17.34
N PRO A 230 -15.51 -9.03 18.55
CA PRO A 230 -16.28 -10.08 19.22
C PRO A 230 -17.66 -10.32 18.58
N GLY A 231 -18.27 -11.45 18.89
CA GLY A 231 -19.62 -11.72 18.46
C GLY A 231 -19.71 -12.51 17.17
N PRO A 232 -20.94 -12.74 16.69
CA PRO A 232 -21.17 -13.59 15.52
C PRO A 232 -21.02 -12.78 14.25
N GLY A 233 -20.88 -13.47 13.13
CA GLY A 233 -20.80 -12.80 11.84
C GLY A 233 -19.49 -12.05 11.60
N ARG A 234 -18.52 -12.21 12.49
CA ARG A 234 -17.24 -11.50 12.37
C ARG A 234 -16.17 -12.28 11.59
N ARG A 235 -15.44 -11.59 10.73
CA ARG A 235 -14.30 -12.14 10.01
C ARG A 235 -12.99 -11.62 10.60
N HIS A 236 -11.88 -12.35 10.38
CA HIS A 236 -10.56 -11.84 10.75
C HIS A 236 -10.18 -10.69 9.83
N ARG A 237 -9.66 -9.61 10.42
CA ARG A 237 -9.24 -8.45 9.64
C ARG A 237 -7.78 -8.12 9.88
N ARG A 238 -7.09 -7.62 8.85
CA ARG A 238 -5.71 -7.19 8.98
C ARG A 238 -5.63 -5.86 9.71
N LEU A 239 -4.74 -5.77 10.70
CA LEU A 239 -4.54 -4.56 11.49
C LEU A 239 -3.08 -4.07 11.41
N ASP A 240 -2.88 -2.83 11.01
CA ASP A 240 -1.55 -2.25 11.00
C ASP A 240 -1.48 -1.02 11.92
N ILE A 241 -0.56 -1.08 12.88
CA ILE A 241 -0.35 0.03 13.80
C ILE A 241 1.07 0.55 13.69
N ILE A 242 1.22 1.87 13.57
CA ILE A 242 2.53 2.51 13.74
C ILE A 242 2.51 3.53 14.90
N VAL A 243 3.62 3.58 15.64
CA VAL A 243 3.78 4.55 16.72
C VAL A 243 4.91 5.49 16.31
N VAL A 244 4.64 6.79 16.25
CA VAL A 244 5.67 7.74 15.83
C VAL A 244 5.90 8.87 16.84
N PRO A 245 7.14 9.42 16.85
CA PRO A 245 7.45 10.62 17.64
C PRO A 245 6.57 11.78 17.18
N TYR A 246 6.19 12.68 18.08
CA TYR A 246 5.30 13.78 17.67
C TYR A 246 5.91 14.64 16.56
N SER A 247 7.22 14.84 16.58
CA SER A 247 7.87 15.66 15.57
C SER A 247 7.70 15.11 14.15
N GLU A 248 7.51 13.80 14.04
CA GLU A 248 7.34 13.16 12.74
C GLU A 248 5.88 12.97 12.37
N PHE A 249 4.98 13.51 13.19
CA PHE A 249 3.53 13.31 13.02
C PHE A 249 2.99 13.60 11.62
N ALA A 250 3.29 14.78 11.08
CA ALA A 250 2.77 15.17 9.78
C ALA A 250 3.25 14.25 8.65
N CYS A 251 4.54 13.95 8.66
CA CYS A 251 5.10 13.08 7.63
C CYS A 251 4.58 11.65 7.75
N ALA A 252 4.42 11.20 8.98
CA ALA A 252 3.87 9.87 9.29
C ALA A 252 2.42 9.73 8.82
N LEU A 253 1.65 10.79 9.05
CA LEU A 253 0.24 10.85 8.69
C LEU A 253 0.10 10.86 7.17
N LEU A 254 0.89 11.71 6.53
CA LEU A 254 0.87 11.79 5.09
C LEU A 254 1.19 10.43 4.48
N TYR A 255 2.29 9.83 4.91
CA TYR A 255 2.67 8.51 4.42
C TYR A 255 1.57 7.49 4.66
N PHE A 256 1.10 7.40 5.90
CA PHE A 256 0.18 6.34 6.28
C PHE A 256 -1.21 6.55 5.66
N THR A 257 -1.48 7.75 5.14
CA THR A 257 -2.75 8.04 4.49
C THR A 257 -2.75 7.68 3.00
N GLY A 258 -1.59 7.75 2.35
CA GLY A 258 -1.44 7.35 0.96
C GLY A 258 -2.22 8.23 -0.01
N SER A 259 -2.61 7.69 -1.17
CA SER A 259 -2.36 6.31 -1.56
C SER A 259 -0.88 6.02 -1.84
N ALA A 260 -0.60 4.78 -2.26
CA ALA A 260 0.77 4.39 -2.61
C ALA A 260 1.34 5.21 -3.77
N HIS A 261 0.58 5.33 -4.85
CA HIS A 261 1.06 6.14 -5.98
C HIS A 261 1.22 7.61 -5.60
N PHE A 262 0.32 8.11 -4.77
CA PHE A 262 0.43 9.48 -4.28
C PHE A 262 1.75 9.68 -3.54
N ASN A 263 2.05 8.80 -2.59
CA ASN A 263 3.32 8.89 -1.85
C ASN A 263 4.52 8.90 -2.79
N ARG A 264 4.51 7.99 -3.75
CA ARG A 264 5.58 7.89 -4.72
C ARG A 264 5.74 9.17 -5.55
N SER A 265 4.63 9.76 -6.00
CA SER A 265 4.67 11.00 -6.79
C SER A 265 5.24 12.14 -5.96
N MET A 266 4.74 12.29 -4.75
CA MET A 266 5.28 13.28 -3.83
C MET A 266 6.78 13.11 -3.63
N ARG A 267 7.20 11.89 -3.34
CA ARG A 267 8.61 11.63 -3.06
C ARG A 267 9.47 11.83 -4.31
N ALA A 268 8.92 11.46 -5.46
CA ALA A 268 9.60 11.66 -6.73
C ALA A 268 9.79 13.15 -7.00
N LEU A 269 8.76 13.93 -6.65
CA LEU A 269 8.81 15.37 -6.81
C LEU A 269 9.87 15.97 -5.90
N ALA A 270 9.88 15.54 -4.64
CA ALA A 270 10.83 16.06 -3.68
C ALA A 270 12.26 15.88 -4.17
N LYS A 271 12.54 14.72 -4.77
CA LYS A 271 13.88 14.43 -5.24
C LYS A 271 14.29 15.35 -6.39
N THR A 272 13.35 15.65 -7.29
CA THR A 272 13.63 16.58 -8.38
C THR A 272 14.14 17.89 -7.81
N LYS A 273 13.60 18.28 -6.67
CA LYS A 273 13.91 19.55 -6.03
C LYS A 273 15.08 19.45 -5.06
N GLY A 274 15.83 18.36 -5.14
CA GLY A 274 16.97 18.17 -4.26
C GLY A 274 16.57 18.00 -2.81
N MET A 275 15.34 17.54 -2.59
CA MET A 275 14.84 17.30 -1.25
C MET A 275 14.54 15.80 -1.08
N SER A 276 14.07 15.41 0.09
CA SER A 276 13.72 14.01 0.31
C SER A 276 12.58 13.90 1.30
N LEU A 277 11.60 13.05 0.97
CA LEU A 277 10.44 12.86 1.81
C LEU A 277 10.28 11.40 2.21
N SER A 278 10.07 11.16 3.50
CA SER A 278 9.85 9.84 4.01
C SER A 278 8.80 9.95 5.10
N GLU A 279 8.35 8.80 5.62
CA GLU A 279 7.43 8.77 6.75
C GLU A 279 8.04 9.40 8.01
N HIS A 280 9.35 9.67 7.97
CA HIS A 280 10.03 10.29 9.12
C HIS A 280 10.10 11.82 8.99
N ALA A 281 10.47 12.31 7.81
CA ALA A 281 10.77 13.73 7.65
C ALA A 281 10.81 14.16 6.19
N LEU A 282 10.58 15.46 5.96
CA LEU A 282 10.92 16.09 4.70
C LEU A 282 12.29 16.74 4.87
N SER A 283 13.24 16.39 4.00
CA SER A 283 14.59 16.91 4.11
C SER A 283 14.97 17.79 2.91
N THR A 284 15.91 18.70 3.12
CA THR A 284 16.33 19.65 2.10
C THR A 284 17.85 19.61 1.96
N ALA A 285 18.36 20.11 0.85
CA ALA A 285 19.80 20.08 0.58
C ALA A 285 20.30 18.64 0.68
N VAL A 286 19.50 17.71 0.17
CA VAL A 286 19.91 16.30 0.12
C VAL A 286 20.92 16.14 -0.99
N VAL A 287 22.07 15.57 -0.66
CA VAL A 287 23.13 15.33 -1.64
C VAL A 287 23.00 13.93 -2.23
N ARG A 288 23.00 13.85 -3.56
CA ARG A 288 22.89 12.55 -4.23
C ARG A 288 24.00 12.38 -5.26
N ASN A 289 24.33 11.13 -5.56
CA ASN A 289 25.30 10.82 -6.61
C ASN A 289 24.68 10.91 -7.99
N THR A 290 25.40 10.44 -9.01
CA THR A 290 24.91 10.47 -10.38
C THR A 290 23.88 9.37 -10.66
N HIS A 291 23.69 8.48 -9.69
CA HIS A 291 22.78 7.35 -9.87
C HIS A 291 21.51 7.48 -9.02
N GLY A 292 21.28 8.69 -8.50
CA GLY A 292 20.07 9.00 -7.74
C GLY A 292 20.10 8.57 -6.29
N CYS A 293 21.21 7.99 -5.86
CA CYS A 293 21.34 7.47 -4.49
C CYS A 293 21.75 8.56 -3.51
N LYS A 294 21.23 8.47 -2.29
CA LYS A 294 21.52 9.44 -1.24
C LYS A 294 22.98 9.34 -0.78
N VAL A 295 23.76 10.40 -1.04
CA VAL A 295 25.14 10.45 -0.60
C VAL A 295 25.32 11.42 0.57
N GLY A 296 24.39 12.35 0.71
CA GLY A 296 24.41 13.33 1.78
C GLY A 296 23.03 13.61 2.33
N PRO A 297 22.89 13.66 3.68
CA PRO A 297 21.61 13.65 4.38
C PRO A 297 20.82 14.95 4.24
N GLY A 298 21.49 16.09 4.44
CA GLY A 298 20.81 17.37 4.44
C GLY A 298 20.14 17.68 5.76
N ARG A 299 19.27 18.67 5.76
CA ARG A 299 18.57 19.09 6.97
C ARG A 299 17.11 18.70 6.92
N VAL A 300 16.59 18.26 8.06
CA VAL A 300 15.16 18.06 8.22
C VAL A 300 14.43 19.39 8.30
N LEU A 301 13.45 19.60 7.43
CA LEU A 301 12.62 20.79 7.48
C LEU A 301 11.50 20.63 8.51
N PRO A 302 11.20 21.71 9.25
CA PRO A 302 10.10 21.69 10.22
C PRO A 302 8.78 21.45 9.53
N THR A 303 8.06 20.40 9.88
CA THR A 303 6.74 20.16 9.30
C THR A 303 5.70 19.80 10.36
N PRO A 304 5.08 20.81 10.99
CA PRO A 304 4.07 20.63 12.03
C PRO A 304 2.79 20.01 11.49
N THR A 305 2.46 20.31 10.23
CA THR A 305 1.20 19.86 9.64
C THR A 305 1.43 19.36 8.22
N GLU A 306 0.50 18.54 7.75
CA GLU A 306 0.56 18.06 6.38
C GLU A 306 0.65 19.23 5.42
N LYS A 307 -0.11 20.29 5.70
CA LYS A 307 -0.08 21.49 4.86
C LYS A 307 1.34 21.96 4.61
N ASP A 308 2.15 21.95 5.67
CA ASP A 308 3.53 22.37 5.55
C ASP A 308 4.30 21.56 4.52
N VAL A 309 4.06 20.24 4.46
CA VAL A 309 4.80 19.39 3.53
C VAL A 309 4.49 19.83 2.11
N PHE A 310 3.21 20.01 1.81
CA PHE A 310 2.79 20.49 0.50
C PHE A 310 3.45 21.84 0.22
N ARG A 311 3.34 22.74 1.18
CA ARG A 311 3.87 24.10 1.01
C ARG A 311 5.36 24.06 0.67
N LEU A 312 6.15 23.38 1.51
CA LEU A 312 7.58 23.31 1.28
C LEU A 312 7.93 22.70 -0.08
N LEU A 313 7.00 21.92 -0.64
CA LEU A 313 7.21 21.29 -1.96
C LEU A 313 6.69 22.15 -3.10
N GLY A 314 6.11 23.30 -2.78
CA GLY A 314 5.55 24.17 -3.80
C GLY A 314 4.28 23.59 -4.39
N LEU A 315 3.48 22.94 -3.55
CA LEU A 315 2.23 22.32 -3.99
C LEU A 315 1.04 22.84 -3.22
N PRO A 316 -0.12 22.89 -3.88
CA PRO A 316 -1.37 23.21 -3.20
C PRO A 316 -1.77 22.00 -2.36
N TYR A 317 -2.31 22.26 -1.18
CA TYR A 317 -2.75 21.21 -0.30
C TYR A 317 -3.86 20.36 -0.93
N ARG A 318 -3.84 19.07 -0.63
CA ARG A 318 -4.92 18.17 -1.05
C ARG A 318 -5.51 17.48 0.17
N GLU A 319 -6.83 17.45 0.22
CA GLU A 319 -7.53 16.72 1.27
C GLU A 319 -7.27 15.23 1.04
N PRO A 320 -7.33 14.43 2.11
CA PRO A 320 -7.07 12.98 1.95
C PRO A 320 -7.87 12.35 0.82
N ALA A 321 -9.16 12.67 0.69
CA ALA A 321 -9.99 12.10 -0.37
C ALA A 321 -9.48 12.43 -1.79
N GLU A 322 -8.61 13.44 -1.89
CA GLU A 322 -8.04 13.82 -3.17
C GLU A 322 -6.68 13.18 -3.44
N ARG A 323 -6.20 12.36 -2.50
CA ARG A 323 -4.89 11.73 -2.68
C ARG A 323 -5.08 10.30 -3.16
N ASP A 324 -6.31 9.99 -3.54
CA ASP A 324 -6.74 8.62 -3.79
C ASP A 324 -6.37 8.21 -5.20
N TRP A 325 -5.08 8.24 -5.52
CA TRP A 325 -4.63 7.78 -6.83
C TRP A 325 -4.27 6.30 -6.79
P CAR C 7 -1.29 -0.67 3.89
OP1 CAR C 7 -2.45 -0.89 5.05
OP2 CAR C 7 -1.65 -1.29 2.61
O5' CAR C 7 -1.16 0.92 3.53
C5' CAR C 7 -1.44 1.93 4.48
C4' CAR C 7 -0.72 3.18 4.02
O4' CAR C 7 0.70 2.81 3.83
C3' CAR C 7 -1.18 3.60 2.63
O3' CAR C 7 -2.41 4.29 2.53
C2' CAR C 7 0.04 4.30 2.07
O2' CAR C 7 0.10 4.44 0.67
C1' CAR C 7 1.21 3.56 2.69
N1 CAR C 7 1.79 2.69 1.66
C2 CAR C 7 2.94 3.24 0.94
O2 CAR C 7 3.49 4.49 1.21
N3 CAR C 7 3.59 2.34 -0.19
C4 CAR C 7 3.01 0.96 -0.50
N4 CAR C 7 3.65 0.20 -1.54
C5 CAR C 7 1.81 0.52 0.32
C6 CAR C 7 1.24 1.40 1.37
O11 PPV E . -3.14 0.64 2.15
P1 PPV E . -4.52 1.51 1.78
O21 PPV E . -4.17 2.90 1.00
O31 PPV E . -5.21 1.85 3.02
OPP PPV E . -5.46 0.55 0.84
P2 PPV E . -6.18 -0.76 1.52
O12 PPV E . -7.68 -0.25 1.95
O22 PPV E . -5.38 -1.25 2.87
O32 PPV E . -6.22 -1.88 0.59
NA NA F . 1.67 -11.93 -1.01
NA NA G . 8.06 -10.99 17.09
MG MG H . -5.07 0.25 4.61
#